data_8RV6
#
_entry.id   8RV6
#
_cell.length_a   171.031
_cell.length_b   171.031
_cell.length_c   51.867
_cell.angle_alpha   90.000
_cell.angle_beta   90.000
_cell.angle_gamma   120.000
#
_symmetry.space_group_name_H-M   'P 31 2 1'
#
loop_
_entity.id
_entity.type
_entity.pdbx_description
1 polymer "2'-O-methyltransferase nsp16"
2 polymer 'Non-structural protein 10'
3 non-polymer '2-(N-MORPHOLINO)-ETHANESULFONIC ACID'
4 non-polymer '3-[[(2~{S},3~{S},4~{R},5~{R})-5-(6-aminopurin-9-yl)-3,4-bis(oxidanyl)oxolan-2-yl]methylsulfanylmethyl]-5-(4-hydroxyphenyl)benzoic acid'
5 non-polymer GLYCEROL
6 non-polymer 'ZINC ION'
7 water water
#
loop_
_entity_poly.entity_id
_entity_poly.type
_entity_poly.pdbx_seq_one_letter_code
_entity_poly.pdbx_strand_id
1 'polypeptide(L)'
;GSMASSQAWQPGVAMPNLYKMQRMLLEKCDLQNYGDSATLPKGIMMNVAKYTQLCQYLNTLTLAVPYNMRVIHFGAGSDK
GVAPGTAVLRQWLPTGTLLVDSDLNDFVSDADSTLIGDCATVHTANKWDLIISDMYDPKTKNVTKENDSKEGFFTYICGF
IQQKLALGGSVAIKITEHSWNADLYKLMGHFAWWTAFVTNVNASSSEAFLIGCNYLGKPREQIDGYVMHANYIFWRNTNP
IQLSSYSLFDMSKFPLKLRGTAVMSLKEGQINDMILSLLSKGRLIIRENNRVVISSDVLVNN
;
A
2 'polypeptide(L)'
;GSMAGNATEVPANSTVLSFCAFAVDAAKAYKDYLASGGQPITNCVKMLCTHTGTGQAITVTPEANMDQESFGGASCCLYC
RCHIDHPNPKGFCDLKGKYVQIPTTCANDPVGFTLKNTVCTVCGMWKGYGCSCDQLREPMLQ
;
B
#
# COMPACT_ATOMS: atom_id res chain seq x y z
N SER A 5 -14.01 -7.10 23.12
CA SER A 5 -13.17 -7.05 21.93
C SER A 5 -12.71 -8.47 21.50
N SER A 6 -13.67 -9.22 20.94
CA SER A 6 -13.31 -10.17 19.90
C SER A 6 -12.71 -9.44 18.69
N GLN A 7 -12.84 -8.10 18.65
CA GLN A 7 -12.18 -7.27 17.67
C GLN A 7 -10.65 -7.43 17.67
N ALA A 8 -10.06 -7.80 18.81
CA ALA A 8 -8.61 -7.84 18.89
C ALA A 8 -7.98 -8.86 17.92
N TRP A 9 -8.74 -9.84 17.47
CA TRP A 9 -8.25 -10.84 16.53
C TRP A 9 -8.55 -10.49 15.08
N GLN A 10 -9.30 -9.42 14.84
CA GLN A 10 -9.51 -8.92 13.48
C GLN A 10 -8.29 -8.10 13.03
N PRO A 11 -8.17 -7.84 11.73
CA PRO A 11 -7.14 -6.87 11.30
C PRO A 11 -7.45 -5.44 11.75
N GLY A 12 -8.70 -5.14 12.07
CA GLY A 12 -9.07 -3.79 12.48
C GLY A 12 -10.57 -3.74 12.73
N VAL A 13 -11.11 -2.53 12.74
CA VAL A 13 -12.52 -2.29 13.07
C VAL A 13 -13.07 -1.28 12.08
N ALA A 14 -14.22 -1.60 11.49
CA ALA A 14 -14.91 -0.72 10.56
C ALA A 14 -16.03 0.03 11.27
N MET A 15 -16.27 1.26 10.82
CA MET A 15 -17.35 2.11 11.36
C MET A 15 -18.70 1.41 11.25
N PRO A 16 -19.35 1.06 12.37
CA PRO A 16 -20.65 0.36 12.27
C PRO A 16 -21.71 1.23 11.60
N ASN A 17 -22.64 0.54 10.90
CA ASN A 17 -23.63 1.25 10.08
C ASN A 17 -24.49 2.21 10.88
N LEU A 18 -24.80 1.89 12.15
CA LEU A 18 -25.65 2.78 12.92
C LEU A 18 -24.97 4.11 13.20
N TYR A 19 -23.63 4.13 13.30
CA TYR A 19 -22.92 5.40 13.43
C TYR A 19 -22.98 6.20 12.14
N LYS A 20 -23.05 5.54 10.98
CA LYS A 20 -23.18 6.26 9.71
C LYS A 20 -24.49 7.04 9.63
N MET A 21 -25.56 6.53 10.24
CA MET A 21 -26.89 7.14 10.15
C MET A 21 -27.10 8.31 11.08
N GLN A 22 -26.14 8.68 11.90
CA GLN A 22 -26.37 9.74 12.88
C GLN A 22 -26.29 11.11 12.23
N ARG A 23 -26.52 12.15 13.02
CA ARG A 23 -26.38 13.55 12.63
C ARG A 23 -25.62 14.32 13.71
N MET A 24 -24.46 13.81 14.09
CA MET A 24 -23.66 14.41 15.16
C MET A 24 -23.03 15.72 14.70
N LEU A 25 -22.66 16.55 15.66
CA LEU A 25 -21.88 17.73 15.36
C LEU A 25 -20.42 17.48 15.66
N LEU A 26 -19.55 18.22 14.97
CA LEU A 26 -18.14 17.92 15.02
C LEU A 26 -17.58 18.25 16.40
N GLU A 27 -16.88 17.30 17.00
CA GLU A 27 -16.20 17.54 18.26
C GLU A 27 -14.73 17.28 18.07
N LYS A 28 -13.95 17.67 19.07
CA LYS A 28 -12.54 17.34 19.07
C LYS A 28 -12.37 15.85 19.34
N CYS A 29 -11.40 15.24 18.68
CA CYS A 29 -11.19 13.81 18.85
C CYS A 29 -10.30 13.60 20.06
N ASP A 30 -10.72 12.73 20.98
CA ASP A 30 -10.01 12.50 22.24
C ASP A 30 -10.00 10.99 22.48
N LEU A 31 -8.92 10.33 22.09
CA LEU A 31 -8.86 8.88 22.12
C LEU A 31 -8.36 8.40 23.47
N GLN A 32 -9.13 7.50 24.09
CA GLN A 32 -8.74 6.84 25.33
C GLN A 32 -7.33 6.28 25.26
N ASN A 33 -7.07 5.40 24.31
CA ASN A 33 -5.81 4.68 24.18
CA ASN A 33 -5.79 4.69 24.21
C ASN A 33 -4.74 5.48 23.44
N TYR A 34 -4.92 6.79 23.31
CA TYR A 34 -3.89 7.66 22.75
C TYR A 34 -2.56 7.46 23.47
N GLY A 35 -1.49 7.28 22.72
CA GLY A 35 -0.18 7.09 23.32
C GLY A 35 0.16 5.66 23.71
N ASP A 36 -0.81 4.74 23.72
CA ASP A 36 -0.45 3.32 23.73
C ASP A 36 0.13 2.94 22.35
N SER A 37 0.88 1.82 22.35
CA SER A 37 1.37 1.19 21.12
C SER A 37 1.10 -0.31 21.18
N ALA A 38 0.86 -0.89 20.00
CA ALA A 38 0.88 -2.32 19.86
C ALA A 38 2.32 -2.81 19.80
N THR A 39 2.54 -4.03 20.25
CA THR A 39 3.88 -4.62 20.15
C THR A 39 3.95 -5.37 18.83
N LEU A 40 4.73 -4.84 17.88
CA LEU A 40 4.91 -5.40 16.56
C LEU A 40 5.85 -6.60 16.62
N PRO A 41 5.66 -7.59 15.72
CA PRO A 41 6.67 -8.64 15.58
C PRO A 41 8.05 -8.03 15.39
N LYS A 42 9.05 -8.70 15.98
CA LYS A 42 10.42 -8.21 16.00
C LYS A 42 10.88 -7.74 14.62
N GLY A 43 11.40 -6.51 14.57
CA GLY A 43 11.91 -5.91 13.35
C GLY A 43 10.87 -5.57 12.29
N ILE A 44 9.57 -5.60 12.59
CA ILE A 44 8.54 -5.23 11.62
C ILE A 44 8.15 -3.77 11.87
N MET A 45 8.05 -3.02 10.77
CA MET A 45 7.82 -1.58 10.87
C MET A 45 6.33 -1.27 10.81
N MET A 46 5.94 -0.13 11.39
CA MET A 46 4.53 0.26 11.49
C MET A 46 3.86 0.26 10.11
N ASN A 47 4.54 0.77 9.09
CA ASN A 47 3.83 0.86 7.82
C ASN A 47 3.70 -0.47 7.12
N VAL A 48 4.58 -1.45 7.38
CA VAL A 48 4.30 -2.80 6.88
C VAL A 48 3.09 -3.40 7.61
N ALA A 49 3.08 -3.30 8.94
CA ALA A 49 1.97 -3.83 9.73
C ALA A 49 0.65 -3.16 9.35
N LYS A 50 0.69 -1.85 9.12
CA LYS A 50 -0.52 -1.11 8.82
C LYS A 50 -1.10 -1.53 7.46
N TYR A 51 -0.25 -1.56 6.42
CA TYR A 51 -0.76 -1.98 5.11
C TYR A 51 -1.18 -3.44 5.09
N THR A 52 -0.49 -4.29 5.84
CA THR A 52 -0.91 -5.70 5.91
C THR A 52 -2.32 -5.82 6.48
N GLN A 53 -2.60 -5.14 7.60
CA GLN A 53 -3.96 -5.18 8.18
C GLN A 53 -5.00 -4.55 7.25
N LEU A 54 -4.63 -3.51 6.51
CA LEU A 54 -5.56 -2.93 5.54
C LEU A 54 -5.92 -3.93 4.45
N CYS A 55 -4.90 -4.62 3.90
CA CYS A 55 -5.16 -5.63 2.88
C CYS A 55 -5.95 -6.81 3.42
N GLN A 56 -5.61 -7.29 4.63
CA GLN A 56 -6.42 -8.30 5.29
C GLN A 56 -7.89 -7.89 5.40
N TYR A 57 -8.18 -6.63 5.76
CA TYR A 57 -9.57 -6.19 5.76
C TYR A 57 -10.16 -6.15 4.35
N LEU A 58 -9.39 -5.68 3.36
CA LEU A 58 -9.93 -5.63 2.00
C LEU A 58 -10.23 -7.03 1.47
N ASN A 59 -9.52 -8.05 1.97
CA ASN A 59 -9.84 -9.44 1.64
C ASN A 59 -11.27 -9.83 2.00
N THR A 60 -11.94 -9.13 2.92
CA THR A 60 -13.30 -9.49 3.29
C THR A 60 -14.37 -8.78 2.46
N LEU A 61 -13.97 -7.95 1.51
CA LEU A 61 -14.93 -7.18 0.72
C LEU A 61 -15.05 -7.76 -0.68
N THR A 62 -16.02 -7.26 -1.43
CA THR A 62 -16.29 -7.76 -2.79
C THR A 62 -15.50 -6.96 -3.84
N LEU A 63 -14.18 -6.97 -3.67
CA LEU A 63 -13.31 -6.33 -4.66
C LEU A 63 -13.33 -7.09 -5.99
N ALA A 64 -13.46 -6.33 -7.07
CA ALA A 64 -13.25 -6.85 -8.41
C ALA A 64 -11.75 -7.08 -8.64
N VAL A 65 -11.40 -8.26 -9.14
CA VAL A 65 -10.00 -8.63 -9.34
C VAL A 65 -9.81 -9.17 -10.76
N PRO A 66 -9.73 -8.31 -11.76
CA PRO A 66 -9.55 -8.79 -13.13
C PRO A 66 -8.14 -9.33 -13.39
N TYR A 67 -8.03 -10.11 -14.47
CA TYR A 67 -6.75 -10.24 -15.14
C TYR A 67 -6.34 -8.85 -15.61
N ASN A 68 -5.02 -8.61 -15.66
CA ASN A 68 -4.54 -7.22 -15.96
C ASN A 68 -5.01 -6.23 -14.93
N MET A 69 -4.96 -6.60 -13.66
CA MET A 69 -5.41 -5.64 -12.67
C MET A 69 -4.44 -4.47 -12.63
N ARG A 70 -4.99 -3.28 -12.45
CA ARG A 70 -4.24 -2.03 -12.44
C ARG A 70 -4.47 -1.31 -11.12
N VAL A 71 -3.41 -1.07 -10.37
CA VAL A 71 -3.47 -0.43 -9.08
C VAL A 71 -2.52 0.77 -9.05
N ILE A 72 -2.99 1.91 -8.54
CA ILE A 72 -2.12 3.07 -8.36
C ILE A 72 -2.12 3.48 -6.88
N HIS A 73 -0.94 3.83 -6.38
CA HIS A 73 -0.68 4.05 -4.96
C HIS A 73 -0.08 5.44 -4.77
N PHE A 74 -0.82 6.36 -4.17
CA PHE A 74 -0.34 7.72 -3.91
C PHE A 74 0.17 7.87 -2.48
N GLY A 75 1.19 8.71 -2.33
CA GLY A 75 1.81 8.96 -1.04
C GLY A 75 2.65 7.81 -0.54
N ALA A 76 3.41 7.18 -1.43
CA ALA A 76 4.04 5.88 -1.19
C ALA A 76 5.48 5.97 -0.71
N GLY A 77 6.10 7.14 -0.74
CA GLY A 77 7.47 7.26 -0.23
C GLY A 77 7.49 7.39 1.28
N SER A 78 8.60 6.97 1.88
CA SER A 78 8.84 7.17 3.30
C SER A 78 9.93 8.22 3.46
N ASP A 79 10.07 8.73 4.70
CA ASP A 79 11.18 9.62 4.95
C ASP A 79 12.53 8.91 4.92
N LYS A 80 12.57 7.60 4.68
CA LYS A 80 13.83 6.90 4.48
C LYS A 80 14.07 6.50 3.04
N GLY A 81 13.23 6.94 2.12
CA GLY A 81 13.48 6.71 0.71
C GLY A 81 13.08 5.35 0.19
N VAL A 82 12.26 4.59 0.93
CA VAL A 82 11.76 3.32 0.40
C VAL A 82 10.24 3.38 0.40
N ALA A 83 9.58 2.30 0.00
CA ALA A 83 8.11 2.28 -0.11
C ALA A 83 7.57 1.01 0.54
N PRO A 84 7.44 1.01 1.87
CA PRO A 84 6.97 -0.21 2.56
C PRO A 84 5.55 -0.60 2.17
N GLY A 85 4.66 0.38 2.06
CA GLY A 85 3.30 0.06 1.68
C GLY A 85 3.22 -0.56 0.31
N THR A 86 4.02 -0.05 -0.63
CA THR A 86 4.04 -0.62 -1.97
C THR A 86 4.54 -2.06 -1.95
N ALA A 87 5.53 -2.36 -1.12
CA ALA A 87 5.98 -3.73 -0.99
C ALA A 87 4.87 -4.65 -0.49
N VAL A 88 4.05 -4.19 0.47
CA VAL A 88 2.94 -5.02 0.94
C VAL A 88 1.89 -5.18 -0.16
N LEU A 89 1.60 -4.10 -0.90
CA LEU A 89 0.61 -4.19 -1.96
C LEU A 89 1.03 -5.18 -3.04
N ARG A 90 2.32 -5.19 -3.40
CA ARG A 90 2.79 -6.18 -4.38
C ARG A 90 2.69 -7.62 -3.86
N GLN A 91 3.00 -7.84 -2.58
CA GLN A 91 2.80 -9.15 -1.97
C GLN A 91 1.34 -9.57 -2.06
N TRP A 92 0.42 -8.64 -1.77
CA TRP A 92 -1.01 -8.93 -1.73
C TRP A 92 -1.60 -9.17 -3.11
N LEU A 93 -1.27 -8.32 -4.08
CA LEU A 93 -1.90 -8.34 -5.39
C LEU A 93 -1.44 -9.56 -6.20
N PRO A 94 -2.28 -10.05 -7.11
CA PRO A 94 -1.86 -11.19 -7.95
C PRO A 94 -0.60 -10.86 -8.75
N THR A 95 0.25 -11.88 -8.90
CA THR A 95 1.43 -11.75 -9.74
C THR A 95 1.04 -11.23 -11.13
N GLY A 96 1.79 -10.23 -11.61
CA GLY A 96 1.49 -9.61 -12.88
C GLY A 96 0.60 -8.38 -12.82
N THR A 97 -0.01 -8.08 -11.67
CA THR A 97 -0.76 -6.83 -11.52
C THR A 97 0.13 -5.64 -11.79
N LEU A 98 -0.34 -4.71 -12.60
CA LEU A 98 0.38 -3.46 -12.86
C LEU A 98 0.22 -2.51 -11.67
N LEU A 99 1.34 -2.12 -11.07
CA LEU A 99 1.34 -1.28 -9.87
C LEU A 99 2.18 -0.06 -10.12
N VAL A 100 1.55 1.12 -10.06
CA VAL A 100 2.22 2.41 -10.16
C VAL A 100 2.08 3.12 -8.81
N ASP A 101 3.16 3.75 -8.34
CA ASP A 101 3.11 4.52 -7.11
C ASP A 101 3.75 5.89 -7.32
N SER A 102 3.54 6.78 -6.36
CA SER A 102 3.93 8.17 -6.53
C SER A 102 4.05 8.83 -5.17
N ASP A 103 4.87 9.87 -5.11
CA ASP A 103 5.06 10.64 -3.88
C ASP A 103 5.76 11.94 -4.23
N LEU A 104 5.52 12.96 -3.41
CA LEU A 104 6.18 14.26 -3.57
C LEU A 104 7.70 14.13 -3.53
N ASN A 105 8.22 13.24 -2.70
CA ASN A 105 9.66 13.12 -2.47
C ASN A 105 10.23 11.86 -3.10
N ASP A 106 11.50 11.94 -3.46
CA ASP A 106 12.16 10.85 -4.17
C ASP A 106 12.26 9.62 -3.27
N PHE A 107 12.08 8.44 -3.86
CA PHE A 107 12.15 7.16 -3.15
C PHE A 107 12.32 6.05 -4.16
N VAL A 108 12.83 4.91 -3.70
CA VAL A 108 12.98 3.74 -4.56
C VAL A 108 11.93 2.69 -4.18
N SER A 109 11.42 1.98 -5.17
CA SER A 109 10.15 1.27 -5.01
C SER A 109 10.15 -0.05 -5.75
N ASP A 110 9.29 -0.96 -5.30
CA ASP A 110 9.04 -2.22 -6.00
C ASP A 110 7.92 -2.11 -7.04
N ALA A 111 7.33 -0.93 -7.19
CA ALA A 111 6.28 -0.76 -8.19
C ALA A 111 6.84 -0.90 -9.61
N ASP A 112 5.98 -1.32 -10.53
CA ASP A 112 6.38 -1.39 -11.94
C ASP A 112 6.84 -0.02 -12.45
N SER A 113 6.26 1.07 -11.91
CA SER A 113 6.67 2.39 -12.34
C SER A 113 6.32 3.39 -11.25
N THR A 114 7.18 4.41 -11.12
CA THR A 114 7.14 5.40 -10.05
C THR A 114 7.28 6.82 -10.62
N LEU A 115 6.41 7.74 -10.19
CA LEU A 115 6.49 9.15 -10.54
C LEU A 115 6.73 9.98 -9.28
N ILE A 116 7.72 10.89 -9.34
CA ILE A 116 8.07 11.78 -8.24
C ILE A 116 7.52 13.19 -8.50
N GLY A 117 6.98 13.82 -7.46
CA GLY A 117 6.41 15.14 -7.58
C GLY A 117 5.03 15.23 -6.96
N ASP A 118 4.55 16.47 -6.82
CA ASP A 118 3.20 16.69 -6.33
C ASP A 118 2.22 15.86 -7.14
N CYS A 119 1.22 15.28 -6.47
CA CYS A 119 0.33 14.38 -7.20
C CYS A 119 -0.43 15.11 -8.30
N ALA A 120 -0.60 16.43 -8.23
CA ALA A 120 -1.29 17.16 -9.30
C ALA A 120 -0.50 17.18 -10.61
N THR A 121 0.81 16.87 -10.60
CA THR A 121 1.56 16.74 -11.84
C THR A 121 1.40 15.37 -12.50
N VAL A 122 0.65 14.44 -11.91
CA VAL A 122 0.55 13.08 -12.41
C VAL A 122 -0.66 12.96 -13.34
N HIS A 123 -0.41 12.47 -14.56
CA HIS A 123 -1.47 12.21 -15.53
C HIS A 123 -1.39 10.75 -15.98
N THR A 124 -2.54 10.14 -16.23
CA THR A 124 -2.58 8.79 -16.78
C THR A 124 -3.62 8.76 -17.88
N ALA A 125 -3.31 8.01 -18.94
CA ALA A 125 -4.28 7.86 -20.02
C ALA A 125 -5.42 6.95 -19.57
N ASN A 126 -5.08 5.82 -18.95
CA ASN A 126 -6.01 4.74 -18.63
C ASN A 126 -6.73 4.95 -17.29
N LYS A 127 -7.72 4.10 -17.06
CA LYS A 127 -8.45 4.00 -15.80
C LYS A 127 -7.86 2.85 -14.96
N TRP A 128 -8.23 2.84 -13.67
CA TRP A 128 -7.61 1.96 -12.69
C TRP A 128 -8.66 1.13 -11.98
N ASP A 129 -8.24 -0.03 -11.47
CA ASP A 129 -9.17 -0.90 -10.76
C ASP A 129 -9.17 -0.66 -9.25
N LEU A 130 -8.09 -0.10 -8.71
CA LEU A 130 -7.97 0.09 -7.27
C LEU A 130 -7.02 1.25 -7.03
N ILE A 131 -7.45 2.21 -6.22
CA ILE A 131 -6.66 3.40 -5.87
C ILE A 131 -6.41 3.37 -4.36
N ILE A 132 -5.14 3.43 -3.97
CA ILE A 132 -4.74 3.49 -2.56
C ILE A 132 -4.01 4.81 -2.34
N SER A 133 -4.41 5.56 -1.32
CA SER A 133 -3.74 6.81 -0.96
C SER A 133 -3.32 6.82 0.50
N ASP A 134 -2.07 7.16 0.73
CA ASP A 134 -1.52 7.39 2.05
C ASP A 134 -1.13 8.85 2.28
N MET A 135 -1.49 9.72 1.35
CA MET A 135 -1.08 11.12 1.43
C MET A 135 -1.65 11.79 2.67
N TYR A 136 -0.82 12.61 3.30
CA TYR A 136 -1.11 13.25 4.58
C TYR A 136 -0.17 14.45 4.73
N ASP A 137 -0.73 15.60 5.05
CA ASP A 137 0.06 16.80 5.32
C ASP A 137 0.04 17.10 6.82
N PRO A 138 1.16 16.93 7.53
CA PRO A 138 1.12 17.05 8.99
C PRO A 138 0.85 18.47 9.50
N LYS A 139 0.97 19.49 8.65
CA LYS A 139 0.55 20.84 9.03
C LYS A 139 -0.94 20.94 9.32
N THR A 140 -1.76 19.97 8.87
CA THR A 140 -3.19 20.03 9.13
C THR A 140 -3.54 19.74 10.60
N LYS A 141 -2.69 19.00 11.33
CA LYS A 141 -3.00 18.50 12.67
C LYS A 141 -2.84 19.59 13.76
N ASN A 142 -2.81 20.86 13.36
CA ASN A 142 -2.78 21.98 14.31
C ASN A 142 -4.10 22.04 15.09
N VAL A 143 -4.04 21.64 16.37
CA VAL A 143 -5.24 21.61 17.20
C VAL A 143 -5.78 23.00 17.48
N THR A 144 -5.00 24.05 17.21
CA THR A 144 -5.43 25.35 17.71
C THR A 144 -6.53 26.00 16.87
N LYS A 145 -6.86 25.51 15.66
CA LYS A 145 -7.88 26.18 14.84
C LYS A 145 -8.92 25.22 14.27
N GLU A 146 -9.97 25.85 13.76
CA GLU A 146 -11.19 25.19 13.34
C GLU A 146 -10.90 24.07 12.34
N ASN A 147 -11.62 22.97 12.49
CA ASN A 147 -11.36 21.76 11.70
C ASN A 147 -12.30 21.76 10.49
N ASP A 148 -11.91 22.50 9.46
CA ASP A 148 -12.71 22.57 8.24
C ASP A 148 -12.24 21.54 7.23
N SER A 149 -13.05 21.34 6.19
CA SER A 149 -12.70 20.41 5.13
C SER A 149 -11.43 20.90 4.45
N LYS A 150 -10.50 20.00 4.18
CA LYS A 150 -9.21 20.35 3.61
C LYS A 150 -9.21 20.14 2.10
N GLU A 151 -8.42 20.93 1.38
CA GLU A 151 -8.38 20.74 -0.07
C GLU A 151 -7.09 20.07 -0.48
N GLY A 152 -6.02 20.81 -0.77
CA GLY A 152 -4.79 20.24 -1.29
C GLY A 152 -4.95 19.00 -2.16
N PHE A 153 -4.27 17.92 -1.77
CA PHE A 153 -4.31 16.66 -2.51
C PHE A 153 -5.70 16.01 -2.55
N PHE A 154 -6.59 16.31 -1.58
CA PHE A 154 -7.94 15.76 -1.63
C PHE A 154 -8.71 16.24 -2.87
N THR A 155 -8.46 17.48 -3.31
CA THR A 155 -9.10 17.93 -4.55
C THR A 155 -8.65 17.08 -5.74
N TYR A 156 -7.35 16.79 -5.82
CA TYR A 156 -6.86 15.91 -6.88
C TYR A 156 -7.50 14.52 -6.78
N ILE A 157 -7.54 13.95 -5.57
CA ILE A 157 -8.05 12.59 -5.35
C ILE A 157 -9.50 12.47 -5.85
N CYS A 158 -10.37 13.41 -5.46
CA CYS A 158 -11.76 13.32 -5.92
C CYS A 158 -11.87 13.43 -7.43
N GLY A 159 -11.15 14.38 -8.04
CA GLY A 159 -11.12 14.43 -9.50
C GLY A 159 -10.63 13.11 -10.09
N PHE A 160 -9.56 12.55 -9.50
CA PHE A 160 -8.99 11.32 -10.03
C PHE A 160 -9.97 10.16 -9.93
N ILE A 161 -10.76 10.11 -8.86
CA ILE A 161 -11.75 9.04 -8.75
C ILE A 161 -12.80 9.18 -9.84
N GLN A 162 -13.34 10.39 -10.01
CA GLN A 162 -14.42 10.61 -10.97
C GLN A 162 -13.96 10.37 -12.40
N GLN A 163 -12.72 10.71 -12.74
CA GLN A 163 -12.22 10.61 -14.12
C GLN A 163 -11.48 9.31 -14.42
N LYS A 164 -10.83 8.68 -13.42
CA LYS A 164 -9.87 7.62 -13.74
C LYS A 164 -10.09 6.33 -12.95
N LEU A 165 -11.19 6.19 -12.22
CA LEU A 165 -11.53 4.92 -11.59
C LEU A 165 -12.54 4.18 -12.46
N ALA A 166 -12.19 2.96 -12.83
CA ALA A 166 -13.12 2.10 -13.56
C ALA A 166 -14.37 1.82 -12.72
N LEU A 167 -15.50 1.68 -13.39
CA LEU A 167 -16.71 1.24 -12.70
C LEU A 167 -16.47 -0.14 -12.10
N GLY A 168 -16.90 -0.33 -10.85
CA GLY A 168 -16.59 -1.54 -10.12
C GLY A 168 -15.30 -1.50 -9.33
N GLY A 169 -14.41 -0.56 -9.63
CA GLY A 169 -13.16 -0.42 -8.90
C GLY A 169 -13.41 0.07 -7.48
N SER A 170 -12.33 0.13 -6.71
CA SER A 170 -12.41 0.41 -5.29
C SER A 170 -11.31 1.37 -4.89
N VAL A 171 -11.52 2.07 -3.75
CA VAL A 171 -10.53 3.00 -3.22
C VAL A 171 -10.33 2.76 -1.72
N ALA A 172 -9.15 3.15 -1.22
CA ALA A 172 -8.85 3.22 0.21
C ALA A 172 -8.01 4.46 0.41
N ILE A 173 -8.55 5.49 1.06
CA ILE A 173 -7.94 6.83 1.15
C ILE A 173 -7.73 7.19 2.62
N LYS A 174 -6.48 7.41 3.02
CA LYS A 174 -6.18 7.75 4.41
C LYS A 174 -6.77 9.11 4.80
N ILE A 175 -7.42 9.16 5.96
CA ILE A 175 -7.88 10.39 6.60
C ILE A 175 -7.48 10.35 8.07
N THR A 176 -7.63 11.49 8.75
CA THR A 176 -7.44 11.63 10.20
C THR A 176 -8.49 12.61 10.71
N GLU A 177 -8.39 12.96 12.00
CA GLU A 177 -9.29 13.97 12.57
C GLU A 177 -9.27 15.25 11.74
N HIS A 178 -8.08 15.76 11.43
CA HIS A 178 -7.92 17.04 10.74
C HIS A 178 -7.65 16.89 9.25
N SER A 179 -7.16 15.74 8.78
CA SER A 179 -6.88 15.53 7.36
C SER A 179 -8.08 14.79 6.74
N TRP A 180 -8.99 15.54 6.15
CA TRP A 180 -10.23 14.98 5.65
C TRP A 180 -10.87 15.98 4.69
N ASN A 181 -11.88 15.52 3.97
CA ASN A 181 -12.47 16.33 2.91
C ASN A 181 -13.93 15.93 2.74
N ALA A 182 -14.80 16.93 2.65
CA ALA A 182 -16.24 16.67 2.61
C ALA A 182 -16.68 16.09 1.27
N ASP A 183 -16.07 16.50 0.16
CA ASP A 183 -16.45 15.91 -1.11
C ASP A 183 -16.06 14.44 -1.20
N LEU A 184 -14.94 14.04 -0.58
CA LEU A 184 -14.54 12.64 -0.58
C LEU A 184 -15.58 11.76 0.10
N TYR A 185 -16.10 12.22 1.26
CA TYR A 185 -17.22 11.54 1.91
C TYR A 185 -18.44 11.49 1.00
N LYS A 186 -18.78 12.61 0.36
CA LYS A 186 -19.88 12.61 -0.61
C LYS A 186 -19.67 11.56 -1.69
N LEU A 187 -18.44 11.43 -2.18
CA LEU A 187 -18.14 10.44 -3.20
C LEU A 187 -18.34 9.01 -2.71
N MET A 188 -18.19 8.76 -1.39
CA MET A 188 -18.41 7.40 -0.90
C MET A 188 -19.80 6.92 -1.23
N GLY A 189 -20.77 7.84 -1.34
CA GLY A 189 -22.12 7.49 -1.76
C GLY A 189 -22.26 7.11 -3.22
N HIS A 190 -21.18 7.20 -3.99
CA HIS A 190 -21.14 6.75 -5.39
C HIS A 190 -20.57 5.35 -5.52
N PHE A 191 -20.35 4.65 -4.41
CA PHE A 191 -20.00 3.25 -4.45
C PHE A 191 -21.16 2.45 -3.91
N ALA A 192 -21.11 1.13 -4.16
CA ALA A 192 -22.17 0.25 -3.66
C ALA A 192 -22.14 0.16 -2.14
N TRP A 193 -21.00 0.42 -1.52
CA TRP A 193 -20.82 0.30 -0.08
C TRP A 193 -19.57 1.09 0.30
N TRP A 194 -19.52 1.54 1.56
CA TRP A 194 -18.37 2.30 2.03
C TRP A 194 -18.21 2.09 3.53
N THR A 195 -17.02 2.40 4.03
CA THR A 195 -16.80 2.41 5.47
C THR A 195 -15.57 3.27 5.77
N ALA A 196 -15.36 3.53 7.06
CA ALA A 196 -14.10 4.05 7.58
C ALA A 196 -13.46 2.95 8.41
N PHE A 197 -12.23 2.53 8.05
CA PHE A 197 -11.58 1.36 8.65
C PHE A 197 -10.33 1.78 9.41
N VAL A 198 -10.23 1.31 10.66
CA VAL A 198 -9.13 1.62 11.56
C VAL A 198 -8.32 0.34 11.76
N THR A 199 -7.02 0.37 11.43
CA THR A 199 -6.20 -0.81 11.67
C THR A 199 -5.97 -0.98 13.17
N ASN A 200 -5.94 -2.25 13.62
CA ASN A 200 -5.73 -2.49 15.04
C ASN A 200 -4.33 -2.10 15.49
N VAL A 201 -3.32 -2.12 14.60
CA VAL A 201 -1.99 -1.73 15.06
C VAL A 201 -1.88 -0.23 15.27
N ASN A 202 -2.73 0.59 14.65
CA ASN A 202 -2.61 2.04 14.79
C ASN A 202 -3.86 2.65 15.43
N ALA A 203 -4.58 1.85 16.23
CA ALA A 203 -5.87 2.21 16.80
C ALA A 203 -5.79 3.36 17.80
N SER A 204 -4.59 3.69 18.29
CA SER A 204 -4.39 4.86 19.14
C SER A 204 -4.41 6.17 18.37
N SER A 205 -4.46 6.13 17.04
CA SER A 205 -4.46 7.33 16.23
C SER A 205 -5.83 7.54 15.58
N SER A 206 -6.14 8.80 15.30
CA SER A 206 -7.39 9.14 14.64
C SER A 206 -7.39 8.81 13.15
N GLU A 207 -6.30 8.25 12.60
CA GLU A 207 -6.34 7.88 11.19
C GLU A 207 -7.36 6.78 10.95
N ALA A 208 -7.94 6.81 9.75
CA ALA A 208 -8.71 5.70 9.20
C ALA A 208 -8.53 5.70 7.68
N PHE A 209 -8.90 4.59 7.04
CA PHE A 209 -9.01 4.55 5.57
C PHE A 209 -10.47 4.62 5.17
N LEU A 210 -10.83 5.67 4.42
CA LEU A 210 -12.14 5.73 3.78
C LEU A 210 -12.12 4.78 2.61
N ILE A 211 -12.90 3.70 2.70
CA ILE A 211 -12.90 2.63 1.71
C ILE A 211 -14.19 2.70 0.94
N GLY A 212 -14.10 2.95 -0.37
CA GLY A 212 -15.25 2.84 -1.27
C GLY A 212 -15.14 1.54 -2.04
N CYS A 213 -16.20 0.74 -1.99
CA CYS A 213 -16.17 -0.61 -2.55
C CYS A 213 -17.13 -0.70 -3.73
N ASN A 214 -16.59 -1.02 -4.93
CA ASN A 214 -17.38 -1.16 -6.17
C ASN A 214 -18.04 0.14 -6.68
N TYR A 215 -17.24 0.97 -7.35
CA TYR A 215 -17.66 2.28 -7.88
C TYR A 215 -18.79 2.17 -8.91
N LEU A 216 -19.81 3.02 -8.76
CA LEU A 216 -20.99 3.02 -9.62
C LEU A 216 -21.10 4.26 -10.51
N GLY A 217 -20.23 5.26 -10.34
CA GLY A 217 -20.22 6.40 -11.23
C GLY A 217 -21.39 7.35 -11.11
N LYS A 218 -22.24 7.17 -10.10
CA LYS A 218 -23.42 7.99 -9.88
C LYS A 218 -23.78 7.88 -8.40
N PRO A 219 -24.56 8.84 -7.88
CA PRO A 219 -24.97 8.76 -6.46
C PRO A 219 -25.94 7.63 -6.19
N ARG A 220 -25.51 6.61 -5.46
CA ARG A 220 -26.46 5.66 -4.90
C ARG A 220 -27.13 6.23 -3.66
N GLU A 221 -26.41 7.10 -2.94
CA GLU A 221 -26.77 7.57 -1.61
C GLU A 221 -26.28 9.01 -1.52
N GLN A 222 -27.07 9.86 -0.87
CA GLN A 222 -26.69 11.26 -0.70
C GLN A 222 -26.09 11.42 0.69
N ILE A 223 -24.83 11.85 0.75
CA ILE A 223 -24.06 11.89 1.98
C ILE A 223 -23.57 13.31 2.19
N ASP A 224 -23.89 13.89 3.34
CA ASP A 224 -23.33 15.19 3.73
C ASP A 224 -21.96 14.94 4.39
N GLY A 225 -20.91 15.48 3.76
CA GLY A 225 -19.56 15.16 4.20
C GLY A 225 -19.15 15.78 5.51
N TYR A 226 -19.71 16.94 5.87
CA TYR A 226 -19.44 17.52 7.19
C TYR A 226 -20.11 16.70 8.29
N VAL A 227 -21.33 16.22 8.06
CA VAL A 227 -22.01 15.39 9.05
C VAL A 227 -21.30 14.06 9.21
N MET A 228 -20.91 13.44 8.08
CA MET A 228 -20.33 12.10 8.18
C MET A 228 -18.98 12.11 8.88
N HIS A 229 -18.17 13.15 8.68
CA HIS A 229 -16.91 13.19 9.42
C HIS A 229 -17.16 13.42 10.90
N ALA A 230 -18.11 14.30 11.25
CA ALA A 230 -18.54 14.41 12.63
C ALA A 230 -18.98 13.06 13.20
N ASN A 231 -19.75 12.29 12.42
CA ASN A 231 -20.17 10.95 12.86
C ASN A 231 -18.97 10.04 13.09
N TYR A 232 -17.97 10.11 12.19
CA TYR A 232 -16.76 9.30 12.34
C TYR A 232 -16.03 9.62 13.64
N ILE A 233 -15.88 10.92 13.95
CA ILE A 233 -15.22 11.33 15.20
C ILE A 233 -16.03 10.86 16.41
N PHE A 234 -17.36 10.97 16.34
CA PHE A 234 -18.19 10.49 17.43
C PHE A 234 -17.98 9.00 17.67
N TRP A 235 -17.99 8.20 16.59
CA TRP A 235 -17.71 6.78 16.73
C TRP A 235 -16.36 6.54 17.43
N ARG A 236 -15.30 7.18 16.91
CA ARG A 236 -13.98 7.02 17.53
C ARG A 236 -13.98 7.46 18.99
N ASN A 237 -14.61 8.60 19.31
CA ASN A 237 -14.59 9.12 20.68
C ASN A 237 -15.25 8.19 21.68
N THR A 238 -16.26 7.44 21.27
CA THR A 238 -17.05 6.65 22.23
C THR A 238 -16.81 5.16 22.10
N ASN A 239 -15.87 4.75 21.25
CA ASN A 239 -15.58 3.33 21.02
C ASN A 239 -14.08 3.12 21.03
N PRO A 240 -13.48 2.99 22.22
CA PRO A 240 -12.04 2.70 22.29
C PRO A 240 -11.72 1.38 21.62
N ILE A 241 -10.65 1.36 20.83
CA ILE A 241 -10.24 0.15 20.13
C ILE A 241 -8.94 -0.33 20.74
N GLN A 242 -8.94 -1.57 21.21
CA GLN A 242 -7.76 -2.14 21.83
C GLN A 242 -6.67 -2.35 20.80
N LEU A 243 -5.50 -1.76 21.02
CA LEU A 243 -4.37 -1.99 20.13
C LEU A 243 -4.07 -3.48 20.04
N SER A 244 -3.75 -3.93 18.85
CA SER A 244 -3.53 -5.35 18.64
C SER A 244 -2.75 -5.61 17.36
N SER A 245 -1.77 -6.50 17.45
CA SER A 245 -1.05 -6.98 16.29
C SER A 245 -1.35 -8.45 15.99
N TYR A 246 -2.39 -9.01 16.61
CA TYR A 246 -2.65 -10.45 16.53
C TYR A 246 -2.70 -10.95 15.09
N SER A 247 -3.44 -10.24 14.21
CA SER A 247 -3.69 -10.76 12.86
C SER A 247 -2.43 -10.82 12.00
N LEU A 248 -1.36 -10.15 12.39
CA LEU A 248 -0.12 -10.19 11.63
C LEU A 248 0.57 -11.55 11.70
N PHE A 249 0.27 -12.36 12.73
CA PHE A 249 0.98 -13.63 12.87
C PHE A 249 0.43 -14.77 12.02
N ASP A 250 -0.71 -14.60 11.36
CA ASP A 250 -1.26 -15.63 10.48
C ASP A 250 -1.42 -15.02 9.09
N MET A 251 -0.47 -15.32 8.21
CA MET A 251 -0.45 -14.83 6.83
C MET A 251 -0.83 -15.92 5.82
N SER A 252 -1.35 -17.05 6.29
CA SER A 252 -1.57 -18.18 5.39
C SER A 252 -2.63 -17.86 4.32
N LYS A 253 -3.55 -16.94 4.61
CA LYS A 253 -4.62 -16.63 3.66
C LYS A 253 -4.56 -15.19 3.17
N PHE A 254 -3.34 -14.62 3.12
CA PHE A 254 -3.18 -13.20 2.83
C PHE A 254 -3.42 -12.82 1.38
N PRO A 255 -2.90 -13.53 0.36
CA PRO A 255 -2.99 -13.03 -1.01
C PRO A 255 -4.43 -12.76 -1.45
N LEU A 256 -4.63 -11.64 -2.15
CA LEU A 256 -5.92 -11.35 -2.76
C LEU A 256 -6.33 -12.47 -3.73
N LYS A 257 -7.58 -12.92 -3.63
CA LYS A 257 -8.10 -14.01 -4.45
C LYS A 257 -8.15 -13.61 -5.91
N LEU A 258 -7.65 -14.48 -6.79
CA LEU A 258 -7.73 -14.21 -8.23
C LEU A 258 -9.14 -14.57 -8.66
N ARG A 259 -10.01 -13.57 -8.81
CA ARG A 259 -11.39 -13.82 -9.17
C ARG A 259 -11.62 -13.85 -10.68
N GLY A 260 -10.64 -13.40 -11.46
CA GLY A 260 -10.80 -13.34 -12.90
C GLY A 260 -11.96 -12.49 -13.37
N THR A 261 -12.25 -11.40 -12.65
CA THR A 261 -13.44 -10.61 -12.90
C THR A 261 -13.47 -10.09 -14.35
N ALA A 262 -14.67 -10.07 -14.93
CA ALA A 262 -14.82 -9.67 -16.33
C ALA A 262 -14.61 -8.18 -16.50
N VAL A 263 -13.91 -7.82 -17.58
CA VAL A 263 -13.73 -6.42 -17.99
C VAL A 263 -14.47 -6.21 -19.31
N MET A 264 -15.31 -5.17 -19.36
CA MET A 264 -16.05 -4.79 -20.55
C MET A 264 -15.90 -3.30 -20.79
N SER A 265 -15.94 -2.91 -22.05
CA SER A 265 -15.94 -1.50 -22.42
C SER A 265 -17.33 -1.09 -22.89
N LEU A 266 -17.96 -0.17 -22.17
CA LEU A 266 -19.33 0.23 -22.45
C LEU A 266 -19.44 1.76 -22.43
N LYS A 267 -20.10 2.32 -23.44
CA LYS A 267 -20.50 3.73 -23.36
C LYS A 267 -21.54 3.88 -22.26
N GLU A 268 -21.61 5.08 -21.68
CA GLU A 268 -22.34 5.23 -20.42
C GLU A 268 -23.85 5.07 -20.59
N GLY A 269 -24.38 5.22 -21.80
CA GLY A 269 -25.79 4.96 -22.02
C GLY A 269 -26.20 3.52 -21.75
N GLN A 270 -25.26 2.57 -21.85
CA GLN A 270 -25.55 1.15 -21.73
C GLN A 270 -25.55 0.63 -20.29
N ILE A 271 -25.31 1.48 -19.31
CA ILE A 271 -25.24 1.02 -17.92
C ILE A 271 -26.68 0.96 -17.40
N ASN A 272 -27.26 -0.24 -17.41
CA ASN A 272 -28.62 -0.47 -16.95
C ASN A 272 -28.59 -0.94 -15.50
N ASP A 273 -29.76 -1.29 -14.95
CA ASP A 273 -29.80 -1.75 -13.56
C ASP A 273 -29.19 -3.14 -13.41
N MET A 274 -29.02 -3.88 -14.50
CA MET A 274 -28.47 -5.23 -14.45
C MET A 274 -26.96 -5.19 -14.45
N ILE A 275 -26.40 -4.26 -15.22
CA ILE A 275 -24.98 -3.93 -15.11
C ILE A 275 -24.67 -3.41 -13.71
N LEU A 276 -25.45 -2.42 -13.26
CA LEU A 276 -25.27 -1.86 -11.92
C LEU A 276 -25.22 -2.93 -10.85
N SER A 277 -26.10 -3.93 -10.97
CA SER A 277 -26.15 -5.01 -10.00
C SER A 277 -24.88 -5.83 -10.04
N LEU A 278 -24.33 -6.08 -11.23
CA LEU A 278 -23.09 -6.84 -11.33
C LEU A 278 -21.91 -6.03 -10.79
N LEU A 279 -21.90 -4.74 -11.07
CA LEU A 279 -20.90 -3.87 -10.46
C LEU A 279 -20.97 -3.96 -8.95
N SER A 280 -22.20 -3.93 -8.41
CA SER A 280 -22.43 -3.86 -6.97
C SER A 280 -21.97 -5.10 -6.23
N LYS A 281 -21.88 -6.24 -6.91
CA LYS A 281 -21.41 -7.48 -6.28
C LYS A 281 -19.97 -7.81 -6.63
N GLY A 282 -19.22 -6.87 -7.19
CA GLY A 282 -17.82 -7.12 -7.47
C GLY A 282 -17.58 -8.09 -8.61
N ARG A 283 -18.53 -8.20 -9.54
CA ARG A 283 -18.44 -9.16 -10.64
C ARG A 283 -18.14 -8.50 -11.99
N LEU A 284 -17.94 -7.19 -12.05
CA LEU A 284 -17.76 -6.54 -13.34
C LEU A 284 -16.87 -5.31 -13.20
N ILE A 285 -15.93 -5.16 -14.14
CA ILE A 285 -15.14 -3.94 -14.29
C ILE A 285 -15.44 -3.34 -15.66
N ILE A 286 -15.64 -2.03 -15.71
CA ILE A 286 -15.92 -1.33 -16.96
C ILE A 286 -14.83 -0.30 -17.19
N ARG A 287 -13.99 -0.55 -18.19
CA ARG A 287 -12.93 0.34 -18.66
C ARG A 287 -12.38 -0.28 -19.94
N GLU A 288 -11.50 0.45 -20.62
CA GLU A 288 -10.80 -0.13 -21.76
C GLU A 288 -9.65 -0.99 -21.26
N ASN A 289 -8.93 -1.63 -22.20
CA ASN A 289 -7.83 -2.51 -21.82
C ASN A 289 -6.61 -2.23 -22.68
N ASN A 290 -6.37 -0.95 -23.00
CA ASN A 290 -5.26 -0.54 -23.83
C ASN A 290 -3.96 -0.52 -23.01
N ARG A 291 -2.89 -0.03 -23.65
CA ARG A 291 -1.62 0.16 -22.96
C ARG A 291 -1.79 1.17 -21.84
N VAL A 292 -1.08 0.93 -20.73
CA VAL A 292 -1.03 1.87 -19.62
C VAL A 292 0.09 2.88 -19.88
N VAL A 293 -0.29 4.15 -20.04
CA VAL A 293 0.65 5.23 -20.29
C VAL A 293 0.46 6.28 -19.21
N ILE A 294 1.56 6.71 -18.59
CA ILE A 294 1.50 7.71 -17.53
C ILE A 294 2.54 8.79 -17.83
N SER A 295 2.38 9.95 -17.19
CA SER A 295 3.39 10.97 -17.37
C SER A 295 3.34 11.97 -16.21
N SER A 296 4.40 12.76 -16.11
CA SER A 296 4.55 13.77 -15.09
C SER A 296 4.84 15.11 -15.76
N ASP A 297 4.12 16.17 -15.37
CA ASP A 297 4.36 17.50 -15.92
C ASP A 297 5.66 18.10 -15.38
N VAL A 298 6.48 18.66 -16.27
CA VAL A 298 7.75 19.28 -15.88
C VAL A 298 7.67 20.76 -16.22
N LEU A 299 7.79 21.59 -15.20
CA LEU A 299 7.83 23.04 -15.34
C LEU A 299 9.26 23.45 -15.66
N VAL A 300 9.44 24.23 -16.71
CA VAL A 300 10.76 24.68 -17.16
C VAL A 300 10.93 26.14 -16.79
N ASN A 301 12.06 26.47 -16.18
CA ASN A 301 12.40 27.87 -15.89
C ASN A 301 13.91 27.98 -15.79
N ASN A 302 14.40 29.17 -15.46
CA ASN A 302 15.85 29.42 -15.41
C ASN A 302 16.46 28.95 -14.08
N ALA B 21 38.30 5.51 -18.94
CA ALA B 21 38.30 4.18 -18.35
C ALA B 21 37.75 4.21 -16.92
N PHE B 22 37.46 5.41 -16.43
CA PHE B 22 37.01 5.58 -15.07
C PHE B 22 35.57 5.10 -14.90
N ALA B 23 35.34 4.29 -13.86
CA ALA B 23 34.03 3.84 -13.42
C ALA B 23 34.04 3.82 -11.90
N VAL B 24 32.97 4.30 -11.28
CA VAL B 24 32.90 4.25 -9.82
C VAL B 24 32.46 2.85 -9.41
N ASP B 25 33.16 2.26 -8.45
CA ASP B 25 32.92 0.89 -8.00
C ASP B 25 32.26 0.95 -6.62
N ALA B 26 30.92 1.02 -6.60
CA ALA B 26 30.23 1.19 -5.33
C ALA B 26 30.16 -0.11 -4.53
N ALA B 27 30.03 -1.26 -5.22
CA ALA B 27 30.08 -2.54 -4.53
C ALA B 27 31.35 -2.67 -3.70
N LYS B 28 32.51 -2.45 -4.34
CA LYS B 28 33.77 -2.48 -3.60
C LYS B 28 33.81 -1.40 -2.52
N ALA B 29 33.22 -0.22 -2.78
CA ALA B 29 33.23 0.85 -1.78
C ALA B 29 32.40 0.49 -0.56
N TYR B 30 31.31 -0.27 -0.73
CA TYR B 30 30.49 -0.64 0.41
C TYR B 30 31.12 -1.78 1.21
N LYS B 31 31.64 -2.80 0.51
CA LYS B 31 32.39 -3.85 1.20
C LYS B 31 33.53 -3.27 2.02
N ASP B 32 34.26 -2.29 1.47
CA ASP B 32 35.36 -1.70 2.22
C ASP B 32 34.87 -0.95 3.45
N TYR B 33 33.70 -0.31 3.37
CA TYR B 33 33.19 0.42 4.54
C TYR B 33 32.62 -0.54 5.58
N LEU B 34 32.08 -1.69 5.15
CA LEU B 34 31.75 -2.75 6.10
C LEU B 34 33.00 -3.26 6.82
N ALA B 35 34.07 -3.49 6.05
CA ALA B 35 35.31 -4.04 6.63
C ALA B 35 35.88 -3.14 7.71
N SER B 36 35.86 -1.82 7.50
CA SER B 36 36.39 -0.90 8.49
C SER B 36 35.45 -0.69 9.67
N GLY B 37 34.40 -1.51 9.80
CA GLY B 37 33.49 -1.40 10.92
C GLY B 37 32.43 -0.34 10.77
N GLY B 38 31.81 -0.23 9.59
CA GLY B 38 30.77 0.74 9.34
C GLY B 38 29.39 0.13 9.49
N GLN B 39 28.44 0.96 9.93
CA GLN B 39 27.06 0.56 10.16
C GLN B 39 26.36 0.21 8.84
N PRO B 40 25.83 -1.02 8.70
CA PRO B 40 25.17 -1.40 7.43
C PRO B 40 23.98 -0.51 7.09
N ILE B 41 23.66 -0.48 5.79
CA ILE B 41 22.47 0.21 5.32
C ILE B 41 21.23 -0.34 6.02
N THR B 42 20.39 0.56 6.51
CA THR B 42 19.21 0.21 7.30
C THR B 42 17.94 0.44 6.48
N ASN B 43 16.80 0.19 7.13
CA ASN B 43 15.46 0.43 6.62
C ASN B 43 15.10 -0.44 5.41
N CYS B 44 15.79 -1.57 5.23
CA CYS B 44 15.29 -2.57 4.30
C CYS B 44 13.93 -3.05 4.76
N VAL B 45 13.02 -3.27 3.82
CA VAL B 45 11.60 -3.46 4.12
C VAL B 45 11.35 -4.94 4.38
N LYS B 46 11.20 -5.30 5.66
CA LYS B 46 10.96 -6.70 6.00
C LYS B 46 9.46 -7.00 5.99
N MET B 47 9.12 -8.14 5.39
CA MET B 47 7.74 -8.54 5.12
C MET B 47 7.22 -9.49 6.20
N LEU B 48 5.91 -9.44 6.42
CA LEU B 48 5.23 -10.49 7.15
C LEU B 48 4.96 -11.65 6.21
N CYS B 49 5.23 -12.87 6.68
CA CYS B 49 4.96 -14.05 5.84
C CYS B 49 4.89 -15.26 6.76
N THR B 50 4.52 -16.41 6.17
CA THR B 50 4.30 -17.63 6.94
C THR B 50 5.59 -18.23 7.47
N HIS B 51 6.73 -17.96 6.82
CA HIS B 51 8.00 -18.65 7.08
C HIS B 51 7.87 -20.16 6.91
N THR B 52 7.06 -20.59 5.93
CA THR B 52 6.97 -21.96 5.45
C THR B 52 7.08 -21.97 3.93
N GLY B 53 7.91 -21.10 3.37
CA GLY B 53 8.07 -21.02 1.93
C GLY B 53 9.23 -21.87 1.43
N THR B 54 9.41 -21.84 0.09
CA THR B 54 10.42 -22.67 -0.55
C THR B 54 11.84 -22.37 -0.06
N GLY B 55 12.11 -21.14 0.34
CA GLY B 55 13.45 -20.79 0.74
C GLY B 55 14.37 -20.37 -0.39
N GLN B 56 13.87 -20.29 -1.62
CA GLN B 56 14.68 -19.80 -2.73
C GLN B 56 15.06 -18.33 -2.51
N ALA B 57 16.09 -17.89 -3.24
CA ALA B 57 16.75 -16.62 -2.91
C ALA B 57 15.90 -15.42 -3.33
N ILE B 58 15.43 -15.40 -4.58
CA ILE B 58 14.76 -14.22 -5.14
C ILE B 58 13.48 -14.69 -5.81
N THR B 59 12.34 -14.22 -5.31
CA THR B 59 11.07 -14.81 -5.71
C THR B 59 10.03 -13.72 -5.94
N VAL B 60 8.88 -14.12 -6.48
CA VAL B 60 7.85 -13.15 -6.83
C VAL B 60 6.96 -12.78 -5.64
N THR B 61 6.92 -13.59 -4.60
CA THR B 61 6.29 -13.25 -3.32
C THR B 61 7.21 -13.78 -2.24
N PRO B 62 7.05 -13.30 -0.99
CA PRO B 62 7.90 -13.81 0.10
C PRO B 62 7.89 -15.33 0.18
N GLU B 63 9.08 -15.90 0.32
CA GLU B 63 9.26 -17.35 0.32
C GLU B 63 10.18 -17.79 1.45
N ALA B 64 10.33 -16.95 2.47
CA ALA B 64 11.16 -17.31 3.62
C ALA B 64 10.73 -18.65 4.21
N ASN B 65 11.72 -19.43 4.66
CA ASN B 65 11.49 -20.63 5.44
C ASN B 65 11.75 -20.31 6.90
N MET B 66 11.74 -21.35 7.77
CA MET B 66 11.90 -21.10 9.20
CA MET B 66 11.92 -21.12 9.20
C MET B 66 13.20 -20.38 9.52
N ASP B 67 14.20 -20.45 8.64
CA ASP B 67 15.51 -19.87 8.90
C ASP B 67 15.74 -18.55 8.19
N GLN B 68 14.73 -17.98 7.54
CA GLN B 68 14.91 -16.84 6.66
C GLN B 68 13.93 -15.72 7.00
N GLU B 69 14.34 -14.50 6.66
CA GLU B 69 13.45 -13.36 6.62
C GLU B 69 13.28 -12.95 5.16
N SER B 70 12.13 -12.32 4.84
CA SER B 70 11.83 -11.86 3.49
C SER B 70 11.79 -10.33 3.44
N PHE B 71 12.44 -9.76 2.43
CA PHE B 71 12.48 -8.31 2.25
C PHE B 71 12.04 -7.95 0.84
N GLY B 72 11.40 -6.78 0.73
CA GLY B 72 11.13 -6.21 -0.58
C GLY B 72 12.45 -5.93 -1.29
N GLY B 73 12.52 -6.32 -2.57
CA GLY B 73 13.81 -6.37 -3.26
C GLY B 73 14.47 -5.01 -3.44
N ALA B 74 13.71 -4.02 -3.94
CA ALA B 74 14.32 -2.71 -4.21
C ALA B 74 15.08 -2.19 -2.99
N SER B 75 14.49 -2.33 -1.79
CA SER B 75 15.12 -1.80 -0.59
C SER B 75 16.41 -2.53 -0.20
N CYS B 76 16.72 -3.66 -0.84
CA CYS B 76 17.92 -4.44 -0.56
C CYS B 76 18.99 -4.32 -1.66
N CYS B 77 18.80 -3.45 -2.63
CA CYS B 77 19.72 -3.31 -3.75
C CYS B 77 20.60 -2.09 -3.54
N LEU B 78 21.92 -2.29 -3.58
CA LEU B 78 22.84 -1.18 -3.35
C LEU B 78 22.63 -0.07 -4.37
N TYR B 79 22.40 -0.42 -5.63
CA TYR B 79 22.32 0.58 -6.69
C TYR B 79 21.03 1.37 -6.59
N CYS B 80 19.91 0.70 -6.30
CA CYS B 80 18.65 1.39 -6.00
C CYS B 80 18.82 2.35 -4.83
N ARG B 81 19.39 1.86 -3.72
CA ARG B 81 19.41 2.64 -2.48
C ARG B 81 20.34 3.85 -2.59
N CYS B 82 21.46 3.72 -3.28
CA CYS B 82 22.42 4.82 -3.42
C CYS B 82 22.16 5.72 -4.63
N HIS B 83 21.07 5.49 -5.36
CA HIS B 83 20.74 6.23 -6.58
C HIS B 83 21.94 6.29 -7.53
N ILE B 84 22.47 5.12 -7.88
CA ILE B 84 23.51 5.00 -8.89
C ILE B 84 23.10 3.94 -9.91
N ASP B 85 23.90 3.85 -10.97
CA ASP B 85 23.54 3.04 -12.12
C ASP B 85 23.88 1.57 -11.87
N HIS B 86 23.03 0.68 -12.38
CA HIS B 86 23.24 -0.75 -12.16
C HIS B 86 24.34 -1.26 -13.08
N PRO B 87 25.27 -2.09 -12.56
CA PRO B 87 26.47 -2.50 -13.33
C PRO B 87 26.21 -3.63 -14.32
N ASN B 88 25.58 -3.28 -15.42
CA ASN B 88 25.44 -4.15 -16.57
C ASN B 88 24.98 -3.30 -17.77
N PRO B 89 25.18 -3.81 -18.99
CA PRO B 89 24.82 -2.98 -20.17
C PRO B 89 23.34 -2.63 -20.22
N LYS B 90 22.47 -3.61 -20.00
CA LYS B 90 21.02 -3.38 -20.04
C LYS B 90 20.59 -2.33 -19.02
N GLY B 91 21.33 -2.17 -17.92
CA GLY B 91 20.96 -1.23 -16.87
C GLY B 91 19.98 -1.75 -15.83
N PHE B 92 19.59 -3.03 -15.92
CA PHE B 92 18.44 -3.60 -15.22
C PHE B 92 18.80 -4.03 -13.79
N CYS B 93 17.78 -4.08 -12.93
CA CYS B 93 17.89 -4.54 -11.55
C CYS B 93 17.07 -5.82 -11.37
N ASP B 94 17.71 -6.86 -10.86
CA ASP B 94 17.04 -8.14 -10.69
C ASP B 94 16.50 -8.37 -9.27
N LEU B 95 16.54 -7.35 -8.41
CA LEU B 95 15.87 -7.38 -7.10
C LEU B 95 14.56 -6.60 -7.10
N LYS B 96 14.57 -5.43 -7.71
CA LYS B 96 13.42 -4.53 -7.77
C LYS B 96 12.16 -5.24 -8.22
N GLY B 97 11.11 -5.13 -7.42
CA GLY B 97 9.85 -5.75 -7.76
C GLY B 97 9.75 -7.20 -7.35
N LYS B 98 10.76 -7.72 -6.67
CA LYS B 98 10.75 -9.09 -6.19
C LYS B 98 10.99 -9.09 -4.69
N TYR B 99 11.14 -10.28 -4.12
CA TYR B 99 11.40 -10.43 -2.70
C TYR B 99 12.66 -11.26 -2.55
N VAL B 100 13.54 -10.84 -1.65
CA VAL B 100 14.80 -11.54 -1.43
C VAL B 100 14.74 -12.14 -0.04
N GLN B 101 15.08 -13.44 0.05
CA GLN B 101 15.16 -14.17 1.30
C GLN B 101 16.57 -14.07 1.86
N ILE B 102 16.69 -13.67 3.13
CA ILE B 102 17.97 -13.50 3.79
C ILE B 102 18.00 -14.46 4.98
N PRO B 103 19.05 -15.25 5.17
CA PRO B 103 19.20 -16.02 6.42
C PRO B 103 19.02 -15.11 7.62
N THR B 104 18.25 -15.59 8.60
CA THR B 104 17.94 -14.78 9.77
C THR B 104 19.21 -14.33 10.49
N THR B 105 20.28 -15.12 10.42
CA THR B 105 21.51 -14.71 11.07
C THR B 105 22.23 -13.60 10.34
N CYS B 106 21.82 -13.27 9.12
CA CYS B 106 22.45 -12.23 8.32
C CYS B 106 21.55 -11.03 8.10
N ALA B 107 20.34 -11.02 8.65
CA ALA B 107 19.34 -10.03 8.28
C ALA B 107 19.67 -8.63 8.76
N ASN B 108 20.73 -8.44 9.55
CA ASN B 108 21.13 -7.08 9.94
C ASN B 108 21.72 -6.29 8.77
N ASP B 109 22.09 -6.97 7.67
CA ASP B 109 22.73 -6.31 6.53
C ASP B 109 22.27 -6.99 5.23
N PRO B 110 20.99 -6.81 4.87
CA PRO B 110 20.51 -7.45 3.62
C PRO B 110 21.23 -6.96 2.37
N VAL B 111 21.60 -5.68 2.32
CA VAL B 111 22.32 -5.18 1.15
C VAL B 111 23.68 -5.88 1.03
N GLY B 112 24.44 -5.88 2.12
CA GLY B 112 25.69 -6.60 2.14
C GLY B 112 25.54 -8.05 1.72
N PHE B 113 24.49 -8.73 2.22
CA PHE B 113 24.32 -10.14 1.89
C PHE B 113 24.13 -10.33 0.41
N THR B 114 23.17 -9.60 -0.19
CA THR B 114 22.87 -9.82 -1.61
C THR B 114 24.06 -9.48 -2.49
N LEU B 115 24.87 -8.49 -2.07
CA LEU B 115 26.03 -8.09 -2.85
C LEU B 115 27.11 -9.17 -2.86
N LYS B 116 27.32 -9.83 -1.71
CA LYS B 116 28.42 -10.77 -1.51
C LYS B 116 28.11 -12.20 -1.96
N ASN B 117 26.85 -12.58 -2.13
CA ASN B 117 26.51 -13.97 -2.39
C ASN B 117 25.92 -14.15 -3.78
N THR B 118 25.68 -15.41 -4.13
CA THR B 118 25.37 -15.80 -5.49
C THR B 118 24.22 -16.80 -5.48
N VAL B 119 23.33 -16.69 -6.45
CA VAL B 119 22.16 -17.55 -6.55
C VAL B 119 22.49 -18.73 -7.45
N CYS B 120 22.15 -19.93 -6.99
CA CYS B 120 22.33 -21.12 -7.81
C CYS B 120 21.39 -21.11 -9.01
N THR B 121 21.95 -21.38 -10.19
CA THR B 121 21.16 -21.29 -11.41
C THR B 121 20.27 -22.49 -11.64
N VAL B 122 20.49 -23.62 -10.97
CA VAL B 122 19.66 -24.79 -11.17
C VAL B 122 18.57 -24.92 -10.11
N CYS B 123 18.90 -24.75 -8.82
CA CYS B 123 17.88 -24.92 -7.79
C CYS B 123 17.32 -23.61 -7.24
N GLY B 124 17.96 -22.47 -7.50
CA GLY B 124 17.42 -21.19 -7.08
C GLY B 124 17.69 -20.80 -5.64
N MET B 125 18.36 -21.65 -4.87
CA MET B 125 18.76 -21.32 -3.50
C MET B 125 20.06 -20.53 -3.52
N TRP B 126 20.40 -19.95 -2.37
CA TRP B 126 21.68 -19.28 -2.25
C TRP B 126 22.81 -20.31 -2.20
N LYS B 127 23.85 -20.09 -3.01
CA LYS B 127 25.05 -20.90 -2.87
C LYS B 127 25.58 -20.74 -1.46
N GLY B 128 25.66 -21.84 -0.71
CA GLY B 128 26.21 -21.82 0.62
C GLY B 128 25.20 -21.67 1.75
N TYR B 129 23.97 -21.26 1.45
CA TYR B 129 22.91 -21.19 2.44
C TYR B 129 21.63 -21.81 1.88
N GLY B 130 21.73 -23.03 1.38
CA GLY B 130 20.53 -23.75 1.00
C GLY B 130 20.67 -24.58 -0.24
N CYS B 131 21.69 -24.30 -1.06
CA CYS B 131 21.93 -25.06 -2.27
C CYS B 131 22.55 -26.41 -1.95
N SER B 132 21.93 -27.50 -2.43
CA SER B 132 22.30 -28.85 -2.04
C SER B 132 22.75 -29.71 -3.21
N CYS B 133 23.18 -29.09 -4.32
CA CYS B 133 23.54 -29.80 -5.54
C CYS B 133 24.96 -30.35 -5.52
N ASP B 134 25.73 -30.13 -4.45
CA ASP B 134 27.17 -30.30 -4.48
C ASP B 134 27.63 -31.43 -3.55
N GLN B 135 26.79 -32.43 -3.34
CA GLN B 135 27.21 -33.62 -2.61
C GLN B 135 26.16 -34.73 -2.69
#